data_2KD8
#
_entry.id   2KD8
#
_entity_poly.entity_id   1
_entity_poly.type   'polyribonucleotide'
_entity_poly.pdbx_seq_one_letter_code
;GGAUGGUUGGGGUUAGCCAUCC
;
_entity_poly.pdbx_strand_id   A
#
loop_
_chem_comp.id
_chem_comp.type
_chem_comp.name
_chem_comp.formula
A RNA linking ADENOSINE-5'-MONOPHOSPHATE 'C10 H14 N5 O7 P'
C RNA linking CYTIDINE-5'-MONOPHOSPHATE 'C9 H14 N3 O8 P'
G RNA linking GUANOSINE-5'-MONOPHOSPHATE 'C10 H14 N5 O8 P'
U RNA linking URIDINE-5'-MONOPHOSPHATE 'C9 H13 N2 O9 P'
#